data_4IR3
#
_entry.id   4IR3
#
_cell.length_a   82.100
_cell.length_b   96.420
_cell.length_c   57.710
_cell.angle_alpha   90.00
_cell.angle_beta   90.00
_cell.angle_gamma   90.00
#
_symmetry.space_group_name_H-M   'C 2 2 21'
#
loop_
_entity.id
_entity.type
_entity.pdbx_description
1 polymer 'Bromodomain adjacent to zinc finger domain protein 2B'
2 non-polymer 1,2-ETHANEDIOL
3 non-polymer GLYCEROL
4 non-polymer 1-[7-amino-1-(pyrimidin-2-yl)indolizin-3-yl]ethanone
5 water water
#
_entity_poly.entity_id   1
_entity_poly.type   'polypeptide(L)'
_entity_poly.pdbx_seq_one_letter_code
;SMSVKKPKRDDSKDLALCSMILTEMETHEDAWPFLLPVNLKLVPGYKKVIKKPMDFSTIREKLSSGQYPNLETFALDVRL
VFDNCETFNEDDSDIGRAGHNMRKYFEKKWTDTFKVS
;
_entity_poly.pdbx_strand_id   A
#
loop_
_chem_comp.id
_chem_comp.type
_chem_comp.name
_chem_comp.formula
1FK non-polymer 1-[7-amino-1-(pyrimidin-2-yl)indolizin-3-yl]ethanone 'C14 H12 N4 O'
EDO non-polymer 1,2-ETHANEDIOL 'C2 H6 O2'
GOL non-polymer GLYCEROL 'C3 H8 O3'
#
# COMPACT_ATOMS: atom_id res chain seq x y z
N SER A 1 5.33 25.42 16.42
CA SER A 1 5.05 25.29 17.86
C SER A 1 3.72 26.00 18.12
N MET A 2 3.38 26.27 19.38
CA MET A 2 2.12 26.96 19.71
C MET A 2 2.00 28.32 18.99
N SER A 3 0.95 28.44 18.17
CA SER A 3 0.71 29.67 17.37
C SER A 3 1.82 29.97 16.29
N VAL A 4 2.55 28.95 15.89
CA VAL A 4 3.56 29.09 14.84
C VAL A 4 3.42 27.91 13.93
N LYS A 5 2.68 28.09 12.82
CA LYS A 5 2.52 27.07 11.81
C LYS A 5 3.24 27.37 10.50
N LYS A 6 3.90 26.35 9.95
CA LYS A 6 4.29 26.30 8.55
C LYS A 6 3.06 26.53 7.64
N PRO A 7 3.26 27.05 6.43
CA PRO A 7 2.17 27.24 5.48
C PRO A 7 1.29 25.99 5.25
N LYS A 8 -0.04 26.20 5.24
CA LYS A 8 -1.02 25.10 5.11
C LYS A 8 -0.99 24.46 3.71
N ARG A 9 -0.45 23.24 3.63
CA ARG A 9 -0.59 22.37 2.44
C ARG A 9 -2.09 22.01 2.11
N ASP A 10 -2.46 22.04 0.83
CA ASP A 10 -3.83 21.66 0.47
C ASP A 10 -3.91 20.12 0.46
N ASP A 11 -4.53 19.59 1.50
CA ASP A 11 -4.75 18.15 1.63
C ASP A 11 -6.18 17.72 1.26
N SER A 12 -6.99 18.65 0.74
CA SER A 12 -8.41 18.37 0.46
C SER A 12 -8.64 17.26 -0.60
N LYS A 13 -7.63 17.06 -1.48
CA LYS A 13 -7.74 16.09 -2.57
CA LYS A 13 -7.70 16.11 -2.61
C LYS A 13 -7.04 14.76 -2.28
N ASP A 14 -6.37 14.67 -1.13
CA ASP A 14 -5.58 13.44 -0.83
C ASP A 14 -6.39 12.15 -0.90
N LEU A 15 -7.57 12.12 -0.29
CA LEU A 15 -8.44 10.94 -0.34
C LEU A 15 -8.67 10.49 -1.80
N ALA A 16 -9.15 11.39 -2.66
CA ALA A 16 -9.43 11.07 -4.07
C ALA A 16 -8.19 10.56 -4.78
N LEU A 17 -7.08 11.22 -4.52
CA LEU A 17 -5.80 10.85 -5.12
C LEU A 17 -5.22 9.50 -4.70
N CYS A 18 -5.26 9.21 -3.39
CA CYS A 18 -4.89 7.86 -2.93
C CYS A 18 -5.81 6.80 -3.50
N SER A 19 -7.11 7.07 -3.54
CA SER A 19 -8.05 6.13 -4.18
C SER A 19 -7.63 5.82 -5.64
N MET A 20 -7.31 6.88 -6.37
CA MET A 20 -6.91 6.76 -7.76
C MET A 20 -5.69 5.89 -7.87
N ILE A 21 -4.68 6.20 -7.08
CA ILE A 21 -3.47 5.39 -7.02
C ILE A 21 -3.74 3.93 -6.71
N LEU A 22 -4.61 3.67 -5.73
CA LEU A 22 -4.95 2.32 -5.36
C LEU A 22 -5.64 1.61 -6.50
N THR A 23 -6.52 2.33 -7.18
CA THR A 23 -7.20 1.79 -8.35
C THR A 23 -6.22 1.35 -9.41
N GLU A 24 -5.21 2.18 -9.66
CA GLU A 24 -4.14 1.84 -10.58
C GLU A 24 -3.27 0.63 -10.12
N MET A 25 -3.11 0.46 -8.82
CA MET A 25 -2.41 -0.73 -8.28
C MET A 25 -3.22 -2.00 -8.48
N GLU A 26 -4.51 -1.90 -8.17
CA GLU A 26 -5.47 -3.00 -8.30
C GLU A 26 -5.63 -3.49 -9.72
N THR A 27 -5.50 -2.61 -10.71
CA THR A 27 -5.63 -2.97 -12.14
C THR A 27 -4.31 -3.38 -12.87
N HIS A 28 -3.17 -3.20 -12.21
CA HIS A 28 -1.88 -3.68 -12.73
C HIS A 28 -1.90 -5.20 -12.85
N GLU A 29 -1.34 -5.70 -13.93
CA GLU A 29 -1.22 -7.12 -14.21
C GLU A 29 -0.55 -7.94 -13.14
N ASP A 30 0.40 -7.36 -12.41
CA ASP A 30 1.13 -8.08 -11.38
C ASP A 30 0.56 -7.89 -9.96
N ALA A 31 -0.62 -7.33 -9.87
CA ALA A 31 -1.29 -7.14 -8.60
C ALA A 31 -1.90 -8.41 -7.97
N TRP A 32 -1.98 -9.49 -8.73
CA TRP A 32 -2.77 -10.69 -8.32
C TRP A 32 -2.35 -11.28 -6.98
N PRO A 33 -1.07 -11.17 -6.63
CA PRO A 33 -0.77 -11.73 -5.33
C PRO A 33 -1.26 -10.93 -4.17
N PHE A 34 -1.63 -9.65 -4.41
CA PHE A 34 -1.83 -8.63 -3.38
C PHE A 34 -3.29 -8.20 -3.27
N LEU A 35 -4.17 -8.76 -4.11
CA LEU A 35 -5.52 -8.25 -4.20
C LEU A 35 -6.37 -8.60 -2.96
N LEU A 36 -6.13 -9.80 -2.37
CA LEU A 36 -6.90 -10.33 -1.22
C LEU A 36 -5.97 -10.70 -0.10
N PRO A 37 -6.45 -10.71 1.16
CA PRO A 37 -5.54 -11.24 2.21
C PRO A 37 -4.98 -12.63 1.89
N VAL A 38 -3.72 -12.86 2.25
CA VAL A 38 -3.21 -14.21 2.22
C VAL A 38 -4.02 -15.09 3.14
N ASN A 39 -4.38 -16.28 2.65
CA ASN A 39 -5.24 -17.19 3.38
C ASN A 39 -4.42 -17.93 4.43
N LEU A 40 -4.65 -17.60 5.68
CA LEU A 40 -3.76 -18.00 6.75
C LEU A 40 -3.98 -19.42 7.13
N LYS A 41 -5.08 -20.00 6.66
CA LYS A 41 -5.34 -21.38 6.89
C LYS A 41 -4.59 -22.22 5.90
N LEU A 42 -4.28 -21.65 4.74
CA LEU A 42 -3.78 -22.43 3.63
C LEU A 42 -2.33 -22.23 3.32
N VAL A 43 -1.73 -21.21 3.93
CA VAL A 43 -0.33 -20.92 3.71
C VAL A 43 0.46 -21.06 5.05
N PRO A 44 0.97 -22.29 5.29
CA PRO A 44 1.78 -22.56 6.49
C PRO A 44 2.92 -21.55 6.67
N GLY A 45 3.14 -21.15 7.92
CA GLY A 45 4.16 -20.15 8.25
C GLY A 45 3.71 -18.72 8.27
N TYR A 46 2.73 -18.40 7.44
CA TYR A 46 2.38 -16.97 7.18
C TYR A 46 1.87 -16.27 8.39
N LYS A 47 0.96 -16.95 9.12
CA LYS A 47 0.39 -16.34 10.29
C LYS A 47 1.46 -16.06 11.34
N LYS A 48 2.35 -17.03 11.55
CA LYS A 48 3.36 -16.92 12.60
C LYS A 48 4.39 -15.88 12.19
N VAL A 49 4.74 -15.87 10.92
CA VAL A 49 5.87 -15.08 10.45
C VAL A 49 5.49 -13.63 10.18
N ILE A 50 4.35 -13.43 9.57
CA ILE A 50 3.97 -12.07 9.11
C ILE A 50 3.03 -11.50 10.11
N LYS A 51 3.56 -10.64 10.96
CA LYS A 51 2.84 -10.19 12.11
C LYS A 51 1.70 -9.22 11.74
N LYS A 52 1.88 -8.47 10.65
CA LYS A 52 0.87 -7.50 10.19
C LYS A 52 0.55 -7.70 8.73
N PRO A 53 -0.30 -8.69 8.44
CA PRO A 53 -0.70 -8.93 7.07
C PRO A 53 -1.43 -7.72 6.47
N MET A 54 -1.24 -7.50 5.18
CA MET A 54 -1.89 -6.38 4.50
C MET A 54 -2.03 -6.72 3.02
N ASP A 55 -3.12 -6.24 2.41
CA ASP A 55 -3.43 -6.45 1.03
C ASP A 55 -4.24 -5.29 0.49
N PHE A 56 -4.40 -5.24 -0.83
CA PHE A 56 -5.07 -4.10 -1.49
C PHE A 56 -6.55 -3.97 -1.08
N SER A 57 -7.25 -5.08 -0.94
CA SER A 57 -8.67 -5.04 -0.58
C SER A 57 -8.84 -4.49 0.83
N THR A 58 -7.95 -4.87 1.75
CA THR A 58 -7.98 -4.37 3.08
C THR A 58 -7.68 -2.88 3.10
N ILE A 59 -6.70 -2.47 2.30
CA ILE A 59 -6.41 -1.03 2.17
C ILE A 59 -7.61 -0.26 1.60
N ARG A 60 -8.27 -0.83 0.59
CA ARG A 60 -9.39 -0.18 -0.01
C ARG A 60 -10.49 0.01 1.07
N GLU A 61 -10.78 -1.03 1.83
CA GLU A 61 -11.78 -0.96 2.88
C GLU A 61 -11.44 0.10 3.97
N LYS A 62 -10.18 0.16 4.38
CA LYS A 62 -9.71 1.18 5.34
C LYS A 62 -9.84 2.59 4.78
N LEU A 63 -9.46 2.76 3.52
CA LEU A 63 -9.55 4.02 2.84
C LEU A 63 -10.99 4.55 2.69
N SER A 64 -11.91 3.70 2.22
CA SER A 64 -13.30 4.00 2.01
C SER A 64 -14.06 4.21 3.34
N SER A 65 -13.48 3.80 4.47
CA SER A 65 -14.18 3.91 5.77
C SER A 65 -13.49 4.89 6.74
N GLY A 66 -12.60 5.72 6.18
CA GLY A 66 -12.05 6.84 6.89
C GLY A 66 -11.05 6.39 7.93
N GLN A 67 -10.39 5.26 7.69
CA GLN A 67 -9.44 4.72 8.66
C GLN A 67 -7.96 5.12 8.48
N TYR A 68 -7.68 5.87 7.41
CA TYR A 68 -6.42 6.60 7.26
C TYR A 68 -6.51 8.04 7.67
N PRO A 69 -5.83 8.40 8.76
CA PRO A 69 -5.90 9.77 9.14
C PRO A 69 -5.20 10.72 8.19
N ASN A 70 -4.20 10.25 7.43
CA ASN A 70 -3.49 11.11 6.53
C ASN A 70 -2.80 10.26 5.46
N LEU A 71 -2.21 10.91 4.47
CA LEU A 71 -1.75 10.17 3.28
C LEU A 71 -0.54 9.26 3.65
N GLU A 72 0.23 9.64 4.64
CA GLU A 72 1.38 8.84 5.06
C GLU A 72 0.98 7.51 5.69
N THR A 73 -0.14 7.50 6.45
CA THR A 73 -0.59 6.25 7.03
C THR A 73 -1.00 5.37 5.91
N PHE A 74 -1.53 5.95 4.83
CA PHE A 74 -1.89 5.13 3.63
C PHE A 74 -0.65 4.50 2.94
N ALA A 75 0.37 5.31 2.69
CA ALA A 75 1.63 4.84 2.11
C ALA A 75 2.31 3.75 2.96
N LEU A 76 2.19 3.86 4.27
CA LEU A 76 2.75 2.84 5.20
C LEU A 76 2.11 1.45 4.97
N ASP A 77 0.77 1.38 4.88
CA ASP A 77 0.07 0.15 4.49
C ASP A 77 0.43 -0.41 3.13
N VAL A 78 0.54 0.44 2.13
CA VAL A 78 0.95 -0.03 0.82
C VAL A 78 2.35 -0.68 0.90
N ARG A 79 3.27 -0.01 1.56
CA ARG A 79 4.61 -0.47 1.63
C ARG A 79 4.68 -1.78 2.45
N LEU A 80 3.84 -1.86 3.48
CA LEU A 80 3.74 -3.05 4.29
C LEU A 80 3.39 -4.26 3.46
N VAL A 81 2.55 -4.09 2.45
CA VAL A 81 2.27 -5.20 1.53
C VAL A 81 3.56 -5.74 0.88
N PHE A 82 4.39 -4.82 0.43
CA PHE A 82 5.61 -5.19 -0.27
C PHE A 82 6.69 -5.67 0.64
N ASP A 83 6.74 -5.11 1.84
CA ASP A 83 7.68 -5.57 2.86
C ASP A 83 7.35 -6.97 3.31
N ASN A 84 6.07 -7.26 3.53
CA ASN A 84 5.63 -8.62 3.81
C ASN A 84 5.98 -9.59 2.68
N CYS A 85 5.82 -9.13 1.44
CA CYS A 85 6.06 -9.99 0.30
C CYS A 85 7.55 -10.39 0.30
N GLU A 86 8.41 -9.42 0.56
CA GLU A 86 9.84 -9.68 0.62
C GLU A 86 10.24 -10.61 1.76
N THR A 87 9.57 -10.49 2.89
CA THR A 87 9.87 -11.35 4.04
C THR A 87 9.57 -12.82 3.71
N PHE A 88 8.50 -13.05 2.95
CA PHE A 88 7.99 -14.39 2.80
C PHE A 88 8.37 -15.05 1.48
N ASN A 89 8.80 -14.25 0.49
CA ASN A 89 9.02 -14.79 -0.87
C ASN A 89 10.44 -14.56 -1.34
N GLU A 90 10.99 -15.55 -2.05
CA GLU A 90 12.29 -15.40 -2.68
C GLU A 90 12.21 -14.30 -3.75
N ASP A 91 13.25 -13.47 -3.84
CA ASP A 91 13.33 -12.49 -4.94
C ASP A 91 13.12 -13.20 -6.30
N ASP A 92 13.68 -14.41 -6.44
CA ASP A 92 13.63 -15.13 -7.70
C ASP A 92 12.42 -16.08 -7.65
N SER A 93 11.25 -15.48 -7.69
CA SER A 93 9.97 -16.18 -7.73
C SER A 93 9.02 -15.20 -8.37
N ASP A 94 7.94 -15.71 -8.92
CA ASP A 94 6.98 -14.84 -9.56
C ASP A 94 6.46 -13.82 -8.62
N ILE A 95 6.13 -14.26 -7.40
CA ILE A 95 5.53 -13.39 -6.43
C ILE A 95 6.55 -12.37 -5.93
N GLY A 96 7.77 -12.82 -5.69
CA GLY A 96 8.89 -11.95 -5.29
C GLY A 96 9.10 -10.87 -6.36
N ARG A 97 9.07 -11.27 -7.62
CA ARG A 97 9.22 -10.32 -8.74
C ARG A 97 8.00 -9.37 -8.80
N ALA A 98 6.81 -9.90 -8.53
CA ALA A 98 5.60 -9.08 -8.58
C ALA A 98 5.68 -7.98 -7.58
N GLY A 99 6.20 -8.32 -6.41
CA GLY A 99 6.25 -7.37 -5.31
C GLY A 99 7.21 -6.25 -5.61
N HIS A 100 8.39 -6.59 -6.12
CA HIS A 100 9.34 -5.58 -6.55
C HIS A 100 8.75 -4.64 -7.61
N ASN A 101 8.06 -5.22 -8.59
CA ASN A 101 7.45 -4.43 -9.65
C ASN A 101 6.38 -3.49 -9.17
N MET A 102 5.56 -3.97 -8.23
CA MET A 102 4.48 -3.15 -7.71
C MET A 102 5.01 -2.02 -6.78
N ARG A 103 6.00 -2.31 -5.98
CA ARG A 103 6.59 -1.27 -5.13
C ARG A 103 7.09 -0.12 -6.02
N LYS A 104 7.84 -0.47 -7.05
CA LYS A 104 8.38 0.50 -8.02
C LYS A 104 7.27 1.33 -8.64
N TYR A 105 6.24 0.61 -9.08
CA TYR A 105 5.10 1.21 -9.68
C TYR A 105 4.40 2.20 -8.74
N PHE A 106 4.23 1.79 -7.48
CA PHE A 106 3.66 2.61 -6.44
C PHE A 106 4.48 3.86 -6.19
N GLU A 107 5.78 3.68 -6.01
CA GLU A 107 6.59 4.79 -5.52
C GLU A 107 6.69 5.91 -6.54
N LYS A 108 6.64 5.56 -7.83
CA LYS A 108 6.65 6.56 -8.89
C LYS A 108 5.37 7.40 -8.82
N LYS A 109 4.24 6.72 -8.71
CA LYS A 109 2.96 7.41 -8.69
C LYS A 109 2.91 8.24 -7.46
N TRP A 110 3.45 7.70 -6.37
CA TRP A 110 3.47 8.43 -5.09
C TRP A 110 4.25 9.77 -5.23
N THR A 111 5.48 9.68 -5.75
CA THR A 111 6.34 10.82 -6.01
C THR A 111 5.71 11.82 -6.98
N ASP A 112 5.16 11.33 -8.09
CA ASP A 112 4.61 12.19 -9.11
C ASP A 112 3.40 12.93 -8.59
N THR A 113 2.67 12.30 -7.69
CA THR A 113 1.39 12.83 -7.25
C THR A 113 1.57 13.84 -6.13
N PHE A 114 2.50 13.57 -5.21
CA PHE A 114 2.52 14.27 -3.94
C PHE A 114 3.77 15.10 -3.71
N LYS A 115 4.93 14.57 -4.09
CA LYS A 115 6.11 15.39 -4.27
C LYS A 115 5.86 16.34 -5.46
N VAL A 116 6.02 15.84 -6.68
CA VAL A 116 5.76 16.60 -7.91
C VAL A 116 4.25 16.71 -8.19
C1 EDO B . -3.80 2.18 10.54
O1 EDO B . -3.01 1.94 9.39
C2 EDO B . -4.83 3.22 10.17
O2 EDO B . -4.14 4.44 9.86
C1 EDO C . 14.65 -19.88 -5.02
O1 EDO C . 14.94 -19.35 -6.30
C2 EDO C . 15.83 -19.53 -4.16
O2 EDO C . 16.36 -18.25 -4.55
C1 EDO D . 17.56 -12.57 -1.57
O1 EDO D . 17.25 -11.49 -0.69
C2 EDO D . 16.61 -13.74 -1.34
O2 EDO D . 15.36 -13.43 -1.96
C1 GOL E . -2.08 -7.37 12.48
O1 GOL E . -1.97 -8.68 13.13
C2 GOL E . -3.37 -7.24 11.63
O2 GOL E . -3.90 -8.55 11.36
C3 GOL E . -3.26 -6.57 10.23
O3 GOL E . -1.96 -6.19 9.79
C1 GOL F . -1.32 -3.33 -16.50
C1 GOL F . -1.39 -2.73 -16.53
O1 GOL F . -0.02 -3.52 -15.90
O1 GOL F . -0.95 -4.03 -16.09
C2 GOL F . -2.01 -2.02 -16.05
C2 GOL F . -2.93 -2.65 -16.70
O2 GOL F . -3.15 -1.74 -16.89
O2 GOL F . -3.46 -3.84 -17.31
C3 GOL F . -1.07 -0.83 -16.10
C3 GOL F . -3.33 -1.40 -17.53
O3 GOL F . 0.27 -1.28 -16.25
O3 GOL F . -4.48 -0.77 -16.94
O 1FK G . 3.04 -13.82 -0.17
C1 1FK G . 2.07 -13.57 -0.96
C 1FK G . 1.66 -12.17 -1.26
C2 1FK G . 1.32 -14.63 -1.63
N3 1FK G . 1.54 -15.92 -1.43
C13 1FK G . 2.45 -16.57 -0.54
C12 1FK G . 2.47 -17.94 -0.52
C11 1FK G . 1.62 -18.70 -1.33
N2 1FK G . 1.64 -20.07 -1.25
C10 1FK G . 0.71 -18.06 -2.20
C9 1FK G . 0.66 -16.66 -2.26
C4 1FK G . -0.12 -15.77 -3.03
C3 1FK G . 0.31 -14.50 -2.63
C5 1FK G . -1.10 -16.03 -4.02
N1 1FK G . -1.96 -15.05 -4.34
C8 1FK G . -2.90 -15.30 -5.30
C7 1FK G . -3.02 -16.51 -5.99
C6 1FK G . -2.07 -17.47 -5.63
N 1FK G . -1.12 -17.25 -4.67
#